data_1T3S
#
_entry.id   1T3S
#
_cell.length_a   74.066
_cell.length_b   163.841
_cell.length_c   34.761
_cell.angle_alpha   90.00
_cell.angle_beta   90.00
_cell.angle_gamma   90.00
#
_symmetry.space_group_name_H-M   'P 21 21 2'
#
loop_
_entity.id
_entity.type
_entity.pdbx_description
1 polymer 'Dihydropyridine-sensitive L-type, calcium channel beta-2 subunit'
2 non-polymer 'MERCURY (II) ION'
3 water water
#
_entity_poly.entity_id   1
_entity_poly.type   'polypeptide(L)'
_entity_poly.pdbx_seq_one_letter_code
;SRPSDSDVSLEEDREAVRREAERQAQAQLEKAKTKPVAFAVRTNVSYSAAHEDDVPVPGMAISFEAKDFLHVKEKFNNDW
WIGRLVKEGCEIGFIPSRVKLENMRLQHEQRAKEFKLHSKEKRMPFFKKTEHTPPYDVVPSMRPVVLVGPSLKGYEVTDM
MQKALFDFLKHRFEGRISITRVTADISLAKRSVLNNPSKHAIIERSNTRSSLAEVQSEIERIFELARTLQLVVLDADTIN
HPAQLSKTSLAPIVVYVKISSPKVLQRLIKSRGKSQAKHLNVQMVAADKLAQCPPELFDVILDENQLEDACEHLADYLEA
YWKATHPPSSNLPNPLL
;
_entity_poly.pdbx_strand_id   A
#
# COMPACT_ATOMS: atom_id res chain seq x y z
N GLU A 11 -46.46 10.98 4.31
CA GLU A 11 -45.02 10.60 4.30
C GLU A 11 -44.69 9.92 5.64
N GLU A 12 -45.72 9.38 6.29
CA GLU A 12 -45.57 8.71 7.58
C GLU A 12 -45.31 7.22 7.43
N ASP A 13 -46.20 6.53 6.72
CA ASP A 13 -46.09 5.09 6.49
C ASP A 13 -44.88 4.78 5.60
N ARG A 14 -44.47 5.79 4.84
CA ARG A 14 -43.31 5.66 3.95
C ARG A 14 -42.04 5.57 4.79
N GLU A 15 -41.89 6.51 5.72
CA GLU A 15 -40.73 6.55 6.59
C GLU A 15 -40.70 5.30 7.48
N ALA A 16 -41.78 4.55 7.49
CA ALA A 16 -41.86 3.34 8.29
C ALA A 16 -40.84 2.30 7.83
N VAL A 17 -40.88 2.00 6.54
CA VAL A 17 -39.97 1.02 5.94
C VAL A 17 -38.52 1.50 5.93
N ARG A 18 -38.34 2.78 5.61
CA ARG A 18 -37.02 3.40 5.54
C ARG A 18 -36.30 3.43 6.89
N ARG A 19 -37.01 3.82 7.94
CA ARG A 19 -36.43 3.89 9.27
C ARG A 19 -35.92 2.53 9.71
N GLU A 20 -36.67 1.47 9.40
CA GLU A 20 -36.28 0.12 9.79
C GLU A 20 -35.05 -0.34 9.03
N ALA A 21 -35.09 -0.20 7.70
CA ALA A 21 -33.96 -0.58 6.86
C ALA A 21 -32.69 0.10 7.39
N GLU A 22 -32.83 1.37 7.74
CA GLU A 22 -31.73 2.15 8.29
C GLU A 22 -31.26 1.56 9.62
N ARG A 23 -32.19 0.99 10.37
CA ARG A 23 -31.87 0.39 11.66
C ARG A 23 -31.12 -0.91 11.46
N GLN A 24 -31.49 -1.63 10.39
CA GLN A 24 -30.86 -2.91 10.06
C GLN A 24 -29.44 -2.63 9.56
N ALA A 25 -29.35 -1.69 8.62
CA ALA A 25 -28.08 -1.29 8.04
C ALA A 25 -27.10 -0.92 9.14
N GLN A 26 -27.58 -0.17 10.12
CA GLN A 26 -26.74 0.25 11.23
C GLN A 26 -26.25 -0.97 12.01
N ALA A 27 -27.16 -1.92 12.25
CA ALA A 27 -26.82 -3.14 12.98
C ALA A 27 -25.69 -3.90 12.29
N GLN A 28 -25.78 -4.03 10.97
CA GLN A 28 -24.76 -4.74 10.21
C GLN A 28 -23.44 -3.96 10.19
N LEU A 29 -23.54 -2.64 10.16
CA LEU A 29 -22.36 -1.79 10.15
C LEU A 29 -21.60 -1.97 11.46
N GLU A 30 -22.34 -2.11 12.56
CA GLU A 30 -21.71 -2.28 13.86
C GLU A 30 -20.95 -3.60 14.02
N LYS A 31 -21.62 -4.70 13.71
CA LYS A 31 -20.98 -6.01 13.82
C LYS A 31 -19.71 -6.08 12.97
N ALA A 32 -19.72 -5.42 11.82
CA ALA A 32 -18.58 -5.42 10.91
C ALA A 32 -17.29 -4.85 11.52
N LYS A 33 -17.42 -4.01 12.55
CA LYS A 33 -16.28 -3.40 13.21
C LYS A 33 -15.20 -4.40 13.62
N THR A 34 -15.60 -5.59 14.05
CA THR A 34 -14.62 -6.59 14.46
C THR A 34 -14.31 -7.65 13.41
N LYS A 35 -15.16 -7.75 12.39
CA LYS A 35 -14.93 -8.73 11.35
C LYS A 35 -13.63 -8.47 10.63
N PRO A 36 -13.02 -9.53 10.05
CA PRO A 36 -11.75 -9.35 9.34
C PRO A 36 -11.87 -8.62 7.99
N VAL A 37 -10.74 -8.40 7.35
CA VAL A 37 -10.71 -7.73 6.05
C VAL A 37 -10.80 -8.75 4.93
N ALA A 38 -11.86 -8.70 4.13
CA ALA A 38 -11.99 -9.62 3.02
C ALA A 38 -10.94 -9.28 1.98
N PHE A 39 -10.71 -8.00 1.74
CA PHE A 39 -9.72 -7.58 0.76
C PHE A 39 -9.51 -6.06 0.81
N ALA A 40 -8.40 -5.61 0.25
CA ALA A 40 -8.05 -4.18 0.23
C ALA A 40 -8.03 -3.65 -1.19
N VAL A 41 -8.29 -2.36 -1.37
CA VAL A 41 -8.21 -1.79 -2.71
C VAL A 41 -7.50 -0.44 -2.69
N ARG A 42 -6.92 -0.08 -3.83
CA ARG A 42 -6.29 1.21 -3.97
C ARG A 42 -7.26 1.88 -4.97
N THR A 43 -7.75 3.07 -4.63
CA THR A 43 -8.69 3.77 -5.49
C THR A 43 -8.00 4.46 -6.64
N ASN A 44 -8.70 4.51 -7.76
CA ASN A 44 -8.16 5.17 -8.94
C ASN A 44 -8.98 6.41 -9.23
N VAL A 45 -9.99 6.65 -8.41
CA VAL A 45 -10.85 7.80 -8.57
C VAL A 45 -11.22 8.28 -7.19
N SER A 46 -11.80 9.47 -7.11
CA SER A 46 -12.20 10.03 -5.84
C SER A 46 -13.69 9.78 -5.69
N TYR A 47 -14.21 9.99 -4.49
CA TYR A 47 -15.64 9.82 -4.25
C TYR A 47 -16.11 10.65 -3.06
N SER A 48 -17.29 11.24 -3.19
CA SER A 48 -17.88 12.03 -2.12
C SER A 48 -19.33 11.66 -1.94
N ALA A 49 -19.74 11.41 -0.71
CA ALA A 49 -21.14 11.05 -0.46
C ALA A 49 -21.89 12.33 -0.09
N ALA A 50 -21.14 13.41 0.03
CA ALA A 50 -21.66 14.74 0.39
C ALA A 50 -23.06 15.09 -0.13
N HIS A 51 -23.35 14.74 -1.39
CA HIS A 51 -24.64 15.07 -1.99
C HIS A 51 -25.57 13.94 -2.40
N GLU A 52 -25.55 12.82 -1.70
CA GLU A 52 -26.48 11.78 -2.13
C GLU A 52 -27.36 11.08 -1.12
N ASP A 53 -28.38 10.41 -1.66
CA ASP A 53 -29.31 9.61 -0.89
C ASP A 53 -28.89 8.18 -1.23
N ASP A 54 -29.79 7.21 -1.13
CA ASP A 54 -29.43 5.83 -1.47
C ASP A 54 -28.34 5.26 -0.57
N VAL A 55 -27.88 6.04 0.41
CA VAL A 55 -26.85 5.57 1.33
C VAL A 55 -27.54 4.82 2.47
N PRO A 56 -27.18 3.53 2.68
CA PRO A 56 -27.78 2.70 3.72
C PRO A 56 -28.07 3.43 5.03
N VAL A 57 -27.01 3.95 5.66
CA VAL A 57 -27.19 4.70 6.89
C VAL A 57 -26.72 6.10 6.63
N PRO A 58 -27.66 7.03 6.44
CA PRO A 58 -27.34 8.44 6.17
C PRO A 58 -26.12 8.94 6.93
N GLY A 59 -25.15 9.48 6.20
CA GLY A 59 -23.94 10.00 6.82
C GLY A 59 -22.85 9.00 7.14
N MET A 60 -23.07 7.74 6.80
CA MET A 60 -22.07 6.72 7.08
C MET A 60 -21.25 6.33 5.84
N ALA A 61 -21.50 6.99 4.71
CA ALA A 61 -20.73 6.68 3.51
C ALA A 61 -19.35 7.29 3.67
N ILE A 62 -18.35 6.56 3.21
CA ILE A 62 -16.97 7.01 3.31
C ILE A 62 -16.54 7.73 2.03
N SER A 63 -15.87 8.86 2.17
CA SER A 63 -15.40 9.60 1.00
C SER A 63 -13.91 9.33 0.86
N PHE A 64 -13.38 9.42 -0.35
CA PHE A 64 -11.96 9.21 -0.55
C PHE A 64 -11.45 9.88 -1.80
N GLU A 65 -10.14 10.04 -1.86
CA GLU A 65 -9.52 10.67 -3.01
C GLU A 65 -8.87 9.54 -3.80
N ALA A 66 -8.42 9.83 -5.01
CA ALA A 66 -7.76 8.83 -5.81
C ALA A 66 -6.50 8.43 -5.04
N LYS A 67 -6.05 7.21 -5.22
CA LYS A 67 -4.85 6.71 -4.59
C LYS A 67 -4.96 6.40 -3.09
N ASP A 68 -6.18 6.42 -2.57
CA ASP A 68 -6.41 6.10 -1.17
C ASP A 68 -6.53 4.57 -1.02
N PHE A 69 -6.39 4.11 0.22
CA PHE A 69 -6.50 2.69 0.49
C PHE A 69 -7.74 2.41 1.30
N LEU A 70 -8.43 1.32 0.96
CA LEU A 70 -9.65 0.97 1.69
C LEU A 70 -9.61 -0.49 2.01
N HIS A 71 -10.18 -0.83 3.16
CA HIS A 71 -10.29 -2.20 3.58
C HIS A 71 -11.76 -2.54 3.46
N VAL A 72 -12.06 -3.56 2.66
CA VAL A 72 -13.43 -3.97 2.47
C VAL A 72 -13.69 -5.17 3.37
N LYS A 73 -14.61 -5.04 4.31
CA LYS A 73 -14.90 -6.15 5.19
C LYS A 73 -16.02 -7.03 4.68
N GLU A 74 -17.12 -6.45 4.23
CA GLU A 74 -18.21 -7.26 3.70
C GLU A 74 -19.12 -6.52 2.73
N LYS A 75 -20.01 -7.26 2.10
CA LYS A 75 -20.93 -6.69 1.13
C LYS A 75 -22.29 -6.40 1.75
N PHE A 76 -22.86 -5.24 1.44
CA PHE A 76 -24.18 -4.89 1.95
C PHE A 76 -25.15 -5.27 0.83
N ASN A 77 -24.91 -4.73 -0.36
CA ASN A 77 -25.74 -5.02 -1.51
C ASN A 77 -24.95 -4.68 -2.78
N ASN A 78 -25.61 -4.73 -3.94
CA ASN A 78 -24.92 -4.45 -5.18
C ASN A 78 -24.39 -3.01 -5.29
N ASP A 79 -24.82 -2.11 -4.42
CA ASP A 79 -24.33 -0.74 -4.50
C ASP A 79 -23.35 -0.39 -3.39
N TRP A 80 -23.39 -1.12 -2.28
CA TRP A 80 -22.51 -0.77 -1.21
C TRP A 80 -21.76 -1.90 -0.56
N TRP A 81 -20.54 -1.60 -0.15
CA TRP A 81 -19.76 -2.58 0.56
C TRP A 81 -19.57 -1.95 1.91
N ILE A 82 -19.14 -2.74 2.87
CA ILE A 82 -18.88 -2.20 4.19
C ILE A 82 -17.39 -2.29 4.39
N GLY A 83 -16.82 -1.26 5.00
CA GLY A 83 -15.40 -1.23 5.26
C GLY A 83 -14.95 0.10 5.82
N ARG A 84 -13.65 0.32 5.78
CA ARG A 84 -13.09 1.55 6.29
C ARG A 84 -11.93 2.06 5.45
N LEU A 85 -11.63 3.33 5.62
CA LEU A 85 -10.51 3.95 4.94
C LEU A 85 -9.34 3.59 5.84
N VAL A 86 -8.16 3.37 5.25
CA VAL A 86 -7.02 3.03 6.07
C VAL A 86 -6.36 4.31 6.56
N LYS A 87 -6.92 4.89 7.61
CA LYS A 87 -6.39 6.13 8.18
C LYS A 87 -6.75 6.14 9.65
N GLU A 88 -5.79 6.52 10.49
CA GLU A 88 -6.02 6.56 11.93
C GLU A 88 -7.34 7.25 12.27
N GLY A 89 -8.12 6.63 13.14
CA GLY A 89 -9.38 7.20 13.56
C GLY A 89 -10.56 6.86 12.69
N CYS A 90 -10.32 6.41 11.46
CA CYS A 90 -11.41 6.05 10.57
C CYS A 90 -12.01 4.72 10.94
N GLU A 91 -13.31 4.76 11.21
CA GLU A 91 -14.06 3.57 11.58
C GLU A 91 -14.85 3.04 10.40
N ILE A 92 -15.54 1.92 10.61
CA ILE A 92 -16.34 1.30 9.56
C ILE A 92 -17.32 2.29 8.92
N GLY A 93 -17.66 2.03 7.67
CA GLY A 93 -18.58 2.89 6.95
C GLY A 93 -18.99 2.24 5.65
N PHE A 94 -19.90 2.88 4.92
CA PHE A 94 -20.34 2.33 3.66
C PHE A 94 -19.44 2.83 2.52
N ILE A 95 -19.07 1.91 1.65
CA ILE A 95 -18.21 2.21 0.54
C ILE A 95 -18.93 1.85 -0.75
N PRO A 96 -18.92 2.76 -1.72
CA PRO A 96 -19.60 2.41 -2.96
C PRO A 96 -18.92 1.23 -3.66
N SER A 97 -19.72 0.39 -4.31
CA SER A 97 -19.19 -0.76 -5.02
C SER A 97 -18.76 -0.27 -6.40
N ARG A 98 -18.03 -1.13 -7.11
CA ARG A 98 -17.55 -0.84 -8.44
C ARG A 98 -18.74 -0.52 -9.37
N VAL A 99 -19.77 -1.35 -9.34
CA VAL A 99 -20.96 -1.14 -10.17
C VAL A 99 -21.60 0.23 -9.89
N LYS A 100 -21.70 0.56 -8.61
CA LYS A 100 -22.26 1.82 -8.16
C LYS A 100 -21.43 3.00 -8.72
N LEU A 101 -20.11 2.95 -8.56
CA LEU A 101 -19.26 4.04 -9.07
C LEU A 101 -19.40 4.19 -10.59
N GLU A 102 -19.40 3.07 -11.31
CA GLU A 102 -19.53 3.07 -12.76
C GLU A 102 -20.86 3.67 -13.19
N ASN A 103 -21.93 3.37 -12.46
CA ASN A 103 -23.24 3.92 -12.78
C ASN A 103 -23.22 5.42 -12.56
N MET A 104 -22.48 5.87 -11.55
CA MET A 104 -22.40 7.29 -11.28
C MET A 104 -21.62 7.93 -12.42
N ARG A 105 -20.67 7.20 -12.97
CA ARG A 105 -19.89 7.72 -14.08
C ARG A 105 -20.85 7.92 -15.27
N LEU A 106 -21.72 6.94 -15.51
CA LEU A 106 -22.67 7.04 -16.62
C LEU A 106 -23.64 8.21 -16.42
N GLN A 107 -24.20 8.34 -15.22
CA GLN A 107 -25.16 9.40 -14.91
C GLN A 107 -24.59 10.79 -15.15
N HIS A 108 -23.34 10.96 -14.74
CA HIS A 108 -22.64 12.23 -14.90
C HIS A 108 -22.39 12.52 -16.39
N GLU A 109 -22.13 11.47 -17.18
CA GLU A 109 -21.89 11.67 -18.61
C GLU A 109 -23.20 12.09 -19.28
N GLN A 110 -24.30 11.49 -18.87
CA GLN A 110 -25.59 11.83 -19.46
C GLN A 110 -25.84 13.32 -19.21
N ARG A 111 -25.73 13.71 -17.95
CA ARG A 111 -25.90 15.09 -17.54
C ARG A 111 -25.05 16.04 -18.40
N ALA A 112 -23.80 15.66 -18.63
CA ALA A 112 -22.88 16.45 -19.42
C ALA A 112 -23.43 16.73 -20.81
N LYS A 113 -24.01 15.71 -21.44
CA LYS A 113 -24.55 15.87 -22.78
C LYS A 113 -25.80 16.74 -22.75
N GLU A 114 -26.57 16.67 -21.67
CA GLU A 114 -27.77 17.45 -21.56
C GLU A 114 -27.59 18.97 -21.51
N PHE A 115 -26.36 19.41 -21.30
CA PHE A 115 -26.06 20.84 -21.30
C PHE A 115 -26.12 21.36 -22.73
N LYS A 116 -25.87 20.48 -23.70
CA LYS A 116 -25.90 20.86 -25.10
C LYS A 116 -25.07 22.11 -25.28
N LEU A 117 -23.83 22.03 -24.80
CA LEU A 117 -22.89 23.12 -24.88
C LEU A 117 -22.34 23.21 -26.31
N THR A 133 -11.47 3.91 -14.58
CA THR A 133 -11.60 2.66 -15.32
C THR A 133 -10.37 1.80 -15.05
N PRO A 134 -10.44 0.94 -14.04
CA PRO A 134 -11.58 0.75 -13.15
C PRO A 134 -11.33 1.53 -11.88
N PRO A 135 -12.38 1.83 -11.10
CA PRO A 135 -12.25 2.60 -9.86
C PRO A 135 -11.40 1.99 -8.75
N TYR A 136 -11.37 0.67 -8.69
CA TYR A 136 -10.60 -0.01 -7.64
C TYR A 136 -9.62 -1.04 -8.16
N ASP A 137 -8.47 -1.14 -7.51
CA ASP A 137 -7.45 -2.12 -7.86
C ASP A 137 -7.27 -2.91 -6.58
N VAL A 138 -7.42 -4.22 -6.67
CA VAL A 138 -7.22 -5.05 -5.51
C VAL A 138 -5.78 -4.88 -5.11
N VAL A 139 -5.52 -4.86 -3.81
CA VAL A 139 -4.17 -4.67 -3.35
C VAL A 139 -3.99 -5.49 -2.06
N PRO A 140 -2.75 -5.75 -1.64
CA PRO A 140 -2.59 -6.52 -0.40
C PRO A 140 -3.12 -5.73 0.79
N SER A 141 -3.69 -6.40 1.79
CA SER A 141 -4.27 -5.71 2.94
C SER A 141 -3.26 -4.93 3.76
N MET A 142 -1.98 -5.25 3.64
CA MET A 142 -0.95 -4.49 4.33
C MET A 142 0.01 -4.22 3.19
N ARG A 143 0.40 -2.96 3.05
CA ARG A 143 1.31 -2.60 1.98
C ARG A 143 2.66 -3.22 2.31
N PRO A 144 3.19 -4.04 1.40
CA PRO A 144 4.48 -4.63 1.74
C PRO A 144 5.57 -3.56 1.75
N VAL A 145 6.43 -3.59 2.77
CA VAL A 145 7.53 -2.64 2.88
C VAL A 145 8.69 -3.14 2.00
N VAL A 146 9.21 -2.25 1.17
CA VAL A 146 10.32 -2.59 0.30
C VAL A 146 11.39 -1.52 0.49
N LEU A 147 12.63 -1.97 0.63
CA LEU A 147 13.78 -1.07 0.83
C LEU A 147 14.63 -0.93 -0.41
N VAL A 148 14.99 0.30 -0.73
CA VAL A 148 15.87 0.52 -1.87
C VAL A 148 16.92 1.53 -1.41
N GLY A 149 18.14 1.33 -1.88
CA GLY A 149 19.24 2.19 -1.48
C GLY A 149 20.05 1.54 -0.37
N PRO A 150 21.21 2.11 -0.02
CA PRO A 150 21.81 3.31 -0.61
C PRO A 150 22.20 3.09 -2.06
N SER A 151 22.63 1.87 -2.39
CA SER A 151 22.96 1.55 -3.77
C SER A 151 22.39 0.19 -4.17
N LEU A 152 23.09 -0.50 -5.04
CA LEU A 152 22.65 -1.80 -5.52
C LEU A 152 22.65 -2.89 -4.47
N LYS A 153 21.65 -3.75 -4.53
CA LYS A 153 21.57 -4.86 -3.59
C LYS A 153 22.49 -5.94 -4.16
N GLY A 154 22.67 -7.02 -3.43
CA GLY A 154 23.54 -8.08 -3.90
C GLY A 154 25.00 -7.80 -3.51
N TYR A 155 25.32 -6.55 -3.20
CA TYR A 155 26.68 -6.22 -2.79
C TYR A 155 26.84 -6.24 -1.28
N GLU A 156 27.45 -5.20 -0.70
CA GLU A 156 27.66 -5.16 0.76
C GLU A 156 27.28 -3.87 1.48
N VAL A 157 27.69 -2.72 0.95
CA VAL A 157 27.32 -1.49 1.61
C VAL A 157 25.79 -1.47 1.78
N THR A 158 25.10 -1.73 0.68
CA THR A 158 23.65 -1.73 0.66
C THR A 158 23.06 -2.92 1.43
N ASP A 159 23.56 -4.12 1.14
CA ASP A 159 23.07 -5.32 1.81
C ASP A 159 23.18 -5.25 3.34
N MET A 160 24.31 -4.78 3.84
CA MET A 160 24.52 -4.69 5.28
C MET A 160 23.65 -3.61 5.91
N MET A 161 23.49 -2.49 5.22
CA MET A 161 22.67 -1.43 5.77
C MET A 161 21.19 -1.84 5.78
N GLN A 162 20.75 -2.59 4.77
CA GLN A 162 19.35 -3.02 4.74
C GLN A 162 19.18 -4.15 5.74
N LYS A 163 20.17 -5.02 5.82
CA LYS A 163 20.15 -6.16 6.75
C LYS A 163 19.99 -5.65 8.18
N ALA A 164 20.53 -4.45 8.42
CA ALA A 164 20.45 -3.85 9.73
C ALA A 164 19.02 -3.44 10.03
N LEU A 165 18.41 -2.73 9.09
CA LEU A 165 17.05 -2.28 9.26
C LEU A 165 16.10 -3.46 9.46
N PHE A 166 16.37 -4.56 8.76
CA PHE A 166 15.55 -5.76 8.86
C PHE A 166 15.60 -6.36 10.27
N ASP A 167 16.81 -6.44 10.84
CA ASP A 167 16.98 -6.98 12.18
C ASP A 167 16.30 -6.07 13.18
N PHE A 168 16.47 -4.75 13.00
CA PHE A 168 15.82 -3.79 13.89
C PHE A 168 14.31 -3.99 13.85
N LEU A 169 13.75 -4.05 12.66
CA LEU A 169 12.31 -4.20 12.49
C LEU A 169 11.83 -5.52 13.07
N LYS A 170 12.71 -6.52 13.03
CA LYS A 170 12.39 -7.85 13.55
C LYS A 170 12.06 -7.77 15.04
N HIS A 171 12.78 -6.92 15.75
CA HIS A 171 12.60 -6.77 17.18
C HIS A 171 11.61 -5.68 17.58
N ARG A 172 11.72 -4.52 16.95
CA ARG A 172 10.83 -3.43 17.27
C ARG A 172 9.36 -3.83 17.10
N PHE A 173 9.07 -4.65 16.09
CA PHE A 173 7.70 -5.09 15.82
C PHE A 173 7.57 -6.61 15.94
N GLU A 174 8.44 -7.23 16.73
CA GLU A 174 8.38 -8.67 16.90
C GLU A 174 6.97 -9.05 17.36
N GLY A 175 6.49 -10.19 16.87
CA GLY A 175 5.15 -10.63 17.24
C GLY A 175 4.04 -10.02 16.39
N ARG A 176 4.39 -9.09 15.51
CA ARG A 176 3.39 -8.43 14.65
C ARG A 176 3.97 -8.11 13.28
N ILE A 177 5.04 -8.81 12.91
CA ILE A 177 5.68 -8.56 11.64
C ILE A 177 6.30 -9.81 11.05
N SER A 178 6.37 -9.85 9.73
CA SER A 178 6.96 -10.95 9.02
C SER A 178 7.90 -10.39 7.96
N ILE A 179 9.15 -10.83 7.98
CA ILE A 179 10.11 -10.35 7.00
C ILE A 179 10.49 -11.55 6.16
N THR A 180 10.17 -11.50 4.87
CA THR A 180 10.44 -12.61 4.01
C THR A 180 11.26 -12.23 2.77
N ARG A 181 12.15 -13.11 2.37
CA ARG A 181 13.00 -12.87 1.21
C ARG A 181 12.20 -13.19 -0.04
N VAL A 182 12.41 -12.40 -1.09
CA VAL A 182 11.71 -12.61 -2.33
C VAL A 182 12.74 -12.71 -3.44
N THR A 183 13.01 -13.93 -3.90
CA THR A 183 13.98 -14.14 -4.96
C THR A 183 13.36 -13.86 -6.34
N ALA A 184 12.14 -14.37 -6.57
CA ALA A 184 11.42 -14.17 -7.83
C ALA A 184 11.37 -12.69 -8.20
N ASP A 185 11.61 -12.38 -9.46
CA ASP A 185 11.62 -10.98 -9.91
C ASP A 185 10.22 -10.35 -9.90
N ILE A 186 9.74 -9.96 -8.74
CA ILE A 186 8.41 -9.37 -8.65
C ILE A 186 8.20 -8.14 -9.52
N SER A 187 9.28 -7.59 -10.08
CA SER A 187 9.13 -6.42 -10.93
C SER A 187 8.44 -6.79 -12.26
N LEU A 188 8.29 -8.09 -12.51
CA LEU A 188 7.62 -8.57 -13.72
C LEU A 188 6.12 -8.65 -13.50
N ALA A 189 5.71 -8.46 -12.24
CA ALA A 189 4.31 -8.56 -11.86
C ALA A 189 3.44 -7.36 -12.26
N LYS A 190 3.71 -6.79 -13.43
CA LYS A 190 2.91 -5.67 -13.93
C LYS A 190 1.45 -6.15 -14.00
N ARG A 191 0.53 -5.35 -13.49
CA ARG A 191 -0.89 -5.74 -13.51
C ARG A 191 -1.32 -6.34 -14.84
N SER A 192 -1.09 -5.58 -15.91
CA SER A 192 -1.45 -6.00 -17.26
C SER A 192 -0.82 -7.34 -17.64
N VAL A 193 0.46 -7.50 -17.34
CA VAL A 193 1.13 -8.74 -17.67
C VAL A 193 0.44 -9.93 -17.01
N LEU A 194 0.23 -9.83 -15.70
CA LEU A 194 -0.42 -10.89 -14.95
C LEU A 194 -1.89 -11.06 -15.36
N ASN A 195 -2.49 -9.99 -15.86
CA ASN A 195 -3.87 -10.04 -16.29
C ASN A 195 -4.02 -10.74 -17.63
N ASN A 196 -2.88 -11.09 -18.21
CA ASN A 196 -2.84 -11.78 -19.49
C ASN A 196 -2.59 -13.26 -19.28
N THR A 208 13.37 -12.87 -19.93
CA THR A 208 13.05 -12.57 -18.54
C THR A 208 13.59 -13.65 -17.61
N ARG A 209 14.01 -13.26 -16.41
CA ARG A 209 14.54 -14.22 -15.45
C ARG A 209 13.48 -15.24 -15.04
N SER A 210 12.80 -14.93 -13.94
CA SER A 210 11.74 -15.79 -13.40
C SER A 210 10.62 -15.92 -14.42
N SER A 211 9.77 -16.93 -14.22
CA SER A 211 8.63 -17.19 -15.09
C SER A 211 7.37 -16.57 -14.45
N LEU A 212 6.40 -16.20 -15.28
CA LEU A 212 5.17 -15.59 -14.81
C LEU A 212 4.46 -16.45 -13.79
N ALA A 213 4.56 -17.76 -13.96
CA ALA A 213 3.93 -18.67 -13.03
C ALA A 213 4.58 -18.55 -11.66
N GLU A 214 5.89 -18.37 -11.63
CA GLU A 214 6.60 -18.25 -10.36
C GLU A 214 6.29 -16.90 -9.69
N VAL A 215 6.28 -15.84 -10.50
CA VAL A 215 5.97 -14.48 -10.06
C VAL A 215 4.58 -14.46 -9.44
N GLN A 216 3.59 -14.91 -10.22
CA GLN A 216 2.20 -14.95 -9.78
C GLN A 216 2.13 -15.70 -8.46
N SER A 217 2.95 -16.73 -8.34
CA SER A 217 3.00 -17.55 -7.13
C SER A 217 3.47 -16.71 -5.94
N GLU A 218 4.43 -15.83 -6.18
CA GLU A 218 4.96 -14.98 -5.13
C GLU A 218 3.97 -13.87 -4.75
N ILE A 219 3.34 -13.26 -5.74
CA ILE A 219 2.38 -12.20 -5.47
C ILE A 219 1.32 -12.77 -4.52
N GLU A 220 0.85 -13.97 -4.83
CA GLU A 220 -0.14 -14.66 -4.01
C GLU A 220 0.39 -14.81 -2.59
N ARG A 221 1.65 -15.25 -2.47
CA ARG A 221 2.28 -15.41 -1.18
C ARG A 221 2.30 -14.06 -0.45
N ILE A 222 2.66 -12.98 -1.14
CA ILE A 222 2.72 -11.65 -0.53
C ILE A 222 1.32 -11.33 -0.03
N PHE A 223 0.34 -11.46 -0.92
CA PHE A 223 -1.02 -11.19 -0.52
C PHE A 223 -1.43 -12.00 0.70
N GLU A 224 -1.16 -13.30 0.68
CA GLU A 224 -1.55 -14.13 1.82
C GLU A 224 -0.81 -13.77 3.10
N LEU A 225 0.37 -13.18 3.00
CA LEU A 225 1.10 -12.80 4.22
C LEU A 225 0.47 -11.61 4.93
N ALA A 226 -0.11 -10.71 4.14
CA ALA A 226 -0.72 -9.50 4.68
C ALA A 226 -2.19 -9.69 5.08
N ARG A 227 -2.72 -10.88 4.79
CA ARG A 227 -4.11 -11.20 5.08
C ARG A 227 -4.57 -10.89 6.52
N THR A 228 -3.81 -11.36 7.50
CA THR A 228 -4.18 -11.15 8.89
C THR A 228 -3.77 -9.77 9.43
N LEU A 229 -3.50 -8.85 8.51
CA LEU A 229 -3.13 -7.49 8.87
C LEU A 229 -1.86 -7.36 9.72
N GLN A 230 -0.90 -8.25 9.50
CA GLN A 230 0.38 -8.21 10.19
C GLN A 230 1.30 -7.37 9.30
N LEU A 231 2.37 -6.79 9.85
CA LEU A 231 3.27 -6.00 9.03
C LEU A 231 4.07 -6.91 8.13
N VAL A 232 4.10 -6.56 6.84
CA VAL A 232 4.84 -7.36 5.87
C VAL A 232 6.04 -6.58 5.29
N VAL A 233 7.23 -7.15 5.42
CA VAL A 233 8.44 -6.56 4.89
C VAL A 233 9.04 -7.52 3.88
N LEU A 234 9.43 -7.01 2.71
CA LEU A 234 10.03 -7.87 1.71
C LEU A 234 11.49 -7.55 1.45
N ASP A 235 12.25 -8.60 1.17
CA ASP A 235 13.65 -8.43 0.84
C ASP A 235 13.69 -8.91 -0.59
N ALA A 236 13.40 -7.98 -1.50
CA ALA A 236 13.36 -8.27 -2.93
C ALA A 236 14.65 -7.80 -3.58
N ASP A 237 15.51 -8.76 -3.89
CA ASP A 237 16.83 -8.50 -4.47
C ASP A 237 16.81 -7.84 -5.85
N THR A 238 15.74 -7.98 -6.60
CA THR A 238 15.74 -7.37 -7.91
C THR A 238 15.29 -5.92 -7.91
N ILE A 239 14.74 -5.45 -6.79
CA ILE A 239 14.27 -4.07 -6.73
C ILE A 239 15.19 -3.02 -6.12
N ASN A 240 15.69 -2.12 -6.97
CA ASN A 240 16.57 -1.05 -6.53
C ASN A 240 15.93 0.33 -6.77
N HIS A 241 14.86 0.36 -7.57
CA HIS A 241 14.19 1.60 -7.89
C HIS A 241 12.67 1.46 -7.71
N PRO A 242 12.01 2.50 -7.18
CA PRO A 242 10.56 2.41 -7.00
C PRO A 242 9.80 2.17 -8.29
N ALA A 243 10.32 2.64 -9.41
CA ALA A 243 9.62 2.45 -10.68
C ALA A 243 9.40 1.00 -11.06
N GLN A 244 10.22 0.10 -10.53
CA GLN A 244 10.07 -1.32 -10.85
C GLN A 244 8.83 -1.95 -10.22
N LEU A 245 8.13 -1.22 -9.34
CA LEU A 245 6.95 -1.79 -8.73
C LEU A 245 5.72 -0.90 -8.88
N SER A 246 5.87 0.18 -9.65
CA SER A 246 4.77 1.13 -9.90
C SER A 246 3.59 0.51 -10.64
N LYS A 247 3.88 -0.36 -11.61
CA LYS A 247 2.85 -0.98 -12.41
C LYS A 247 2.35 -2.28 -11.80
N THR A 248 2.98 -2.69 -10.71
CA THR A 248 2.56 -3.92 -10.07
C THR A 248 1.36 -3.65 -9.20
N SER A 249 0.79 -4.71 -8.67
CA SER A 249 -0.38 -4.63 -7.81
C SER A 249 0.00 -4.68 -6.35
N LEU A 250 1.28 -4.58 -6.05
CA LEU A 250 1.71 -4.65 -4.64
C LEU A 250 1.58 -3.33 -3.87
N ALA A 251 1.53 -2.20 -4.57
CA ALA A 251 1.39 -0.89 -3.90
C ALA A 251 2.27 -0.90 -2.68
N PRO A 252 3.56 -1.18 -2.84
CA PRO A 252 4.44 -1.21 -1.66
C PRO A 252 4.71 0.14 -0.97
N ILE A 253 5.21 0.01 0.26
CA ILE A 253 5.67 1.16 1.03
C ILE A 253 7.16 1.10 0.64
N VAL A 254 7.56 1.99 -0.26
CA VAL A 254 8.93 2.04 -0.73
C VAL A 254 9.69 2.88 0.27
N VAL A 255 10.72 2.26 0.85
CA VAL A 255 11.55 2.90 1.85
C VAL A 255 12.92 3.13 1.25
N TYR A 256 13.25 4.40 1.17
CA TYR A 256 14.50 4.88 0.59
C TYR A 256 15.61 5.09 1.62
N VAL A 257 16.52 4.12 1.68
CA VAL A 257 17.67 4.19 2.58
C VAL A 257 18.66 5.08 1.85
N LYS A 258 18.59 6.37 2.13
CA LYS A 258 19.43 7.35 1.47
C LYS A 258 20.61 7.87 2.27
N ILE A 259 21.77 7.89 1.63
CA ILE A 259 22.96 8.44 2.25
C ILE A 259 23.12 9.78 1.53
N SER A 260 22.84 10.87 2.22
CA SER A 260 22.90 12.21 1.64
C SER A 260 24.15 12.55 0.80
N SER A 261 25.35 12.40 1.35
CA SER A 261 26.58 12.73 0.63
C SER A 261 27.27 11.62 -0.15
N PRO A 262 27.49 11.84 -1.45
CA PRO A 262 28.14 10.88 -2.35
C PRO A 262 29.52 10.51 -1.83
N LYS A 263 30.20 11.48 -1.24
CA LYS A 263 31.54 11.23 -0.69
C LYS A 263 31.42 10.21 0.44
N VAL A 264 30.40 10.37 1.29
CA VAL A 264 30.21 9.44 2.39
C VAL A 264 30.04 8.02 1.83
N LEU A 265 29.36 7.94 0.70
CA LEU A 265 29.12 6.66 0.03
C LEU A 265 30.43 6.08 -0.48
N GLN A 266 31.16 6.88 -1.26
CA GLN A 266 32.45 6.46 -1.82
C GLN A 266 33.37 5.86 -0.75
N ARG A 267 33.61 6.63 0.31
CA ARG A 267 34.48 6.20 1.40
C ARG A 267 33.98 4.88 1.97
N LEU A 268 32.69 4.86 2.28
CA LEU A 268 32.06 3.68 2.83
C LEU A 268 32.37 2.42 2.03
N ILE A 269 32.13 2.46 0.71
CA ILE A 269 32.39 1.28 -0.10
C ILE A 269 33.87 0.88 -0.08
N LYS A 270 34.74 1.86 -0.23
CA LYS A 270 36.18 1.59 -0.21
C LYS A 270 36.61 0.73 0.98
N SER A 271 36.09 1.05 2.17
CA SER A 271 36.43 0.31 3.40
C SER A 271 35.92 -1.12 3.39
N ARG A 272 35.65 -1.64 2.20
CA ARG A 272 35.16 -3.00 2.06
C ARG A 272 36.15 -3.89 1.32
N GLY A 273 37.32 -3.33 1.01
CA GLY A 273 38.33 -4.10 0.31
C GLY A 273 38.14 -4.09 -1.19
N LYS A 274 39.09 -4.68 -1.91
CA LYS A 274 39.04 -4.74 -3.38
C LYS A 274 37.85 -5.55 -3.87
N SER A 275 37.26 -6.35 -2.98
CA SER A 275 36.11 -7.19 -3.32
C SER A 275 34.84 -6.35 -3.39
N GLN A 276 35.02 -5.03 -3.40
CA GLN A 276 33.90 -4.11 -3.46
C GLN A 276 34.36 -2.83 -4.14
N ALA A 277 35.65 -2.54 -4.01
CA ALA A 277 36.20 -1.34 -4.62
C ALA A 277 36.13 -1.47 -6.14
N LYS A 278 36.22 -2.70 -6.62
CA LYS A 278 36.16 -2.97 -8.04
C LYS A 278 34.75 -2.67 -8.55
N HIS A 279 33.76 -3.20 -7.84
CA HIS A 279 32.35 -3.00 -8.17
C HIS A 279 31.90 -1.62 -7.74
N LEU A 280 32.83 -0.72 -7.49
CA LEU A 280 32.49 0.63 -7.05
C LEU A 280 31.56 1.34 -8.00
N ASN A 281 32.01 1.50 -9.24
CA ASN A 281 31.26 2.18 -10.29
C ASN A 281 29.77 1.89 -10.35
N VAL A 282 29.41 0.61 -10.41
CA VAL A 282 28.02 0.22 -10.48
C VAL A 282 27.25 0.57 -9.21
N GLN A 283 27.91 1.24 -8.27
CA GLN A 283 27.26 1.62 -7.04
C GLN A 283 27.02 3.11 -6.93
N MET A 284 27.92 3.92 -7.46
CA MET A 284 27.71 5.37 -7.37
C MET A 284 26.56 5.80 -8.27
N VAL A 285 26.58 5.36 -9.52
CA VAL A 285 25.52 5.71 -10.46
C VAL A 285 24.17 5.25 -9.95
N ALA A 286 24.07 3.97 -9.61
CA ALA A 286 22.81 3.42 -9.09
C ALA A 286 22.30 4.34 -7.98
N ALA A 287 23.22 4.76 -7.13
CA ALA A 287 22.89 5.64 -6.01
C ALA A 287 22.50 6.99 -6.55
N ASP A 288 23.24 7.47 -7.54
CA ASP A 288 22.90 8.77 -8.11
C ASP A 288 21.53 8.72 -8.79
N LYS A 289 21.22 7.58 -9.39
CA LYS A 289 19.93 7.46 -10.07
C LYS A 289 18.82 7.67 -9.02
N LEU A 290 18.95 7.04 -7.87
CA LEU A 290 17.94 7.21 -6.84
C LEU A 290 17.92 8.66 -6.38
N ALA A 291 19.09 9.28 -6.33
CA ALA A 291 19.20 10.66 -5.91
C ALA A 291 18.43 11.64 -6.80
N GLN A 292 18.25 11.28 -8.06
CA GLN A 292 17.52 12.17 -8.99
C GLN A 292 16.04 11.79 -9.07
N CYS A 293 15.72 10.59 -8.61
CA CYS A 293 14.35 10.11 -8.61
C CYS A 293 13.48 11.03 -7.74
N PRO A 294 12.34 11.49 -8.28
CA PRO A 294 11.42 12.38 -7.55
C PRO A 294 10.95 11.73 -6.25
N PRO A 295 10.99 12.49 -5.14
CA PRO A 295 10.56 11.96 -3.83
C PRO A 295 9.17 11.34 -3.77
N GLU A 296 8.28 11.74 -4.68
CA GLU A 296 6.91 11.20 -4.70
C GLU A 296 6.88 9.68 -4.82
N LEU A 297 7.81 9.13 -5.60
CA LEU A 297 7.90 7.69 -5.80
C LEU A 297 8.29 6.93 -4.52
N PHE A 298 8.66 7.68 -3.49
CA PHE A 298 9.06 7.10 -2.21
C PHE A 298 8.03 7.39 -1.13
N ASP A 299 7.83 6.44 -0.23
CA ASP A 299 6.88 6.65 0.86
C ASP A 299 7.61 7.19 2.08
N VAL A 300 8.81 6.68 2.28
CA VAL A 300 9.63 7.12 3.39
C VAL A 300 11.05 7.30 2.91
N ILE A 301 11.75 8.29 3.44
CA ILE A 301 13.12 8.54 3.05
C ILE A 301 13.99 8.62 4.30
N LEU A 302 14.88 7.64 4.45
CA LEU A 302 15.78 7.55 5.58
C LEU A 302 17.13 8.15 5.25
N ASP A 303 17.29 9.44 5.50
CA ASP A 303 18.55 10.15 5.22
C ASP A 303 19.11 10.72 6.52
N GLU A 304 19.36 9.83 7.47
CA GLU A 304 19.92 10.22 8.75
C GLU A 304 21.40 9.87 8.83
N ASN A 305 22.17 10.73 9.48
CA ASN A 305 23.60 10.52 9.64
C ASN A 305 23.85 9.25 10.46
N GLN A 306 23.06 9.08 11.53
CA GLN A 306 23.15 7.93 12.43
C GLN A 306 22.17 6.82 12.03
N LEU A 307 22.68 5.59 11.96
CA LEU A 307 21.87 4.43 11.61
C LEU A 307 20.79 4.14 12.64
N GLU A 308 21.05 4.54 13.88
CA GLU A 308 20.11 4.35 14.96
C GLU A 308 18.90 5.26 14.76
N ASP A 309 19.12 6.42 14.14
CA ASP A 309 18.02 7.35 13.90
C ASP A 309 17.18 6.96 12.69
N ALA A 310 17.79 6.27 11.74
CA ALA A 310 17.08 5.82 10.56
C ALA A 310 16.05 4.81 11.03
N CYS A 311 16.48 3.94 11.93
CA CYS A 311 15.59 2.92 12.48
C CYS A 311 14.36 3.52 13.13
N GLU A 312 14.59 4.49 14.01
CA GLU A 312 13.50 5.15 14.73
C GLU A 312 12.53 5.91 13.84
N HIS A 313 13.05 6.46 12.76
CA HIS A 313 12.21 7.20 11.83
C HIS A 313 11.27 6.19 11.13
N LEU A 314 11.83 5.06 10.71
CA LEU A 314 11.05 4.02 10.05
C LEU A 314 10.03 3.42 11.01
N ALA A 315 10.49 3.08 12.22
CA ALA A 315 9.61 2.52 13.25
C ALA A 315 8.42 3.44 13.50
N ASP A 316 8.67 4.74 13.53
CA ASP A 316 7.59 5.67 13.77
C ASP A 316 6.59 5.61 12.61
N TYR A 317 7.09 5.65 11.39
CA TYR A 317 6.23 5.58 10.21
C TYR A 317 5.40 4.29 10.21
N LEU A 318 6.03 3.16 10.50
CA LEU A 318 5.33 1.88 10.51
C LEU A 318 4.35 1.78 11.66
N GLU A 319 4.71 2.41 12.78
CA GLU A 319 3.87 2.43 13.96
C GLU A 319 2.60 3.20 13.63
N ALA A 320 2.74 4.28 12.87
CA ALA A 320 1.54 5.04 12.51
C ALA A 320 0.71 4.23 11.50
N TYR A 321 1.40 3.60 10.55
CA TYR A 321 0.74 2.81 9.54
C TYR A 321 -0.05 1.69 10.21
N TRP A 322 0.57 1.08 11.22
CA TRP A 322 -0.06 0.02 11.98
C TRP A 322 -1.35 0.51 12.62
N LYS A 323 -1.32 1.73 13.13
CA LYS A 323 -2.51 2.30 13.75
C LYS A 323 -3.57 2.60 12.72
N ALA A 324 -3.14 3.03 11.53
CA ALA A 324 -4.08 3.34 10.45
C ALA A 324 -4.84 2.10 9.98
N THR A 325 -4.21 0.94 10.13
CA THR A 325 -4.81 -0.33 9.73
C THR A 325 -5.40 -1.16 10.87
N HIS A 326 -5.21 -0.73 12.11
CA HIS A 326 -5.77 -1.50 13.22
C HIS A 326 -6.72 -0.69 14.12
N PRO A 327 -6.22 -0.14 15.25
CA PRO A 327 -6.92 0.64 16.27
C PRO A 327 -8.39 0.39 16.63
N PRO A 328 -8.79 0.85 17.85
CA PRO A 328 -10.11 0.76 18.47
C PRO A 328 -11.28 0.12 17.72
N SER A 329 -11.92 -0.82 18.41
CA SER A 329 -13.09 -1.52 17.89
C SER A 329 -12.78 -2.60 16.86
N SER A 330 -11.74 -3.39 17.10
CA SER A 330 -11.37 -4.47 16.19
C SER A 330 -10.24 -5.32 16.78
#